data_6HLX
#
_entry.id   6HLX
#
_cell.length_a   89.260
_cell.length_b   89.260
_cell.length_c   285.850
_cell.angle_alpha   90.00
_cell.angle_beta   90.00
_cell.angle_gamma   120.00
#
_symmetry.space_group_name_H-M   'P 65 2 2'
#
loop_
_entity.id
_entity.type
_entity.pdbx_description
1 polymer AgaA
2 non-polymer GLYCEROL
3 non-polymer 'agropinic acid'
4 non-polymer '2-(N-MORPHOLINO)-ETHANESULFONIC ACID'
5 non-polymer 'ACETATE ION'
6 non-polymer 'ZINC ION'
7 non-polymer 'SULFATE ION'
8 non-polymer 1,2-ETHANEDIOL
9 non-polymer DI(HYDROXYETHYL)ETHER
10 water water
#
_entity_poly.entity_id   1
_entity_poly.type   'polypeptide(L)'
_entity_poly.pdbx_seq_one_letter_code
;MGTLYFGLSGEPSTLDTVVQPGTSGRTVKLAIHRGLVNYGIDGKISPELAESYEVSPDAKEFTFHLRQAKFHDGTTVTSA
DVKASLERILDPKGKASFRNELSSISKIETPDEKTVKLTLSTPSVAMIDYLALPESVIVPAAWLAKNADNPNAAPVGAGP
FKFAGWTRGREITVKKFDDYYKKGKPDLDEVHYVFYSDENTRVNALKSGDVDIIDYVPAKDAADIAKGPETQLLRNTGPF
MGLQFNTKFEPFSKPEVRQAIAYAVDRSAIINTAFNGLGSPIFGIAIPKGYMGYSDAKANYFSHHVEKAKALLAKAGYPN
GFEVRLLATSQYSFQQNTAIAIQSELAKIGIKVKLDLPDWASRMAKASTGDYDFTVMGSLGEITDADWLSNYYYGGDKLV
RTNNSPYFNDQQINDLLDKGRATVDKAERVKIYDAFVDRALELSPLVYFMWREQNYAVKKGVTGFTNMPGFLTFQSGLSI
ENTKIEHHHHHH
;
_entity_poly.pdbx_strand_id   A
#
# COMPACT_ATOMS: atom_id res chain seq x y z
N GLY A 2 -17.42 13.59 20.77
CA GLY A 2 -17.81 13.92 19.40
C GLY A 2 -17.62 12.76 18.45
N THR A 3 -18.25 12.88 17.28
CA THR A 3 -18.23 11.87 16.22
CA THR A 3 -18.17 11.87 16.22
C THR A 3 -17.61 12.52 14.97
N LEU A 4 -16.92 11.72 14.17
CA LEU A 4 -16.33 12.23 12.94
C LEU A 4 -16.83 11.38 11.78
N TYR A 5 -17.21 12.04 10.67
CA TYR A 5 -17.65 11.35 9.44
C TYR A 5 -16.47 11.47 8.47
N PHE A 6 -16.00 10.31 7.99
CA PHE A 6 -14.81 10.22 7.14
C PHE A 6 -15.25 9.66 5.78
N GLY A 7 -15.09 10.48 4.75
CA GLY A 7 -15.48 10.10 3.40
C GLY A 7 -14.37 9.31 2.73
N LEU A 8 -14.57 7.99 2.59
CA LEU A 8 -13.60 7.11 1.92
C LEU A 8 -13.86 7.09 0.40
N SER A 9 -12.78 6.82 -0.39
CA SER A 9 -12.88 6.76 -1.86
C SER A 9 -13.54 5.49 -2.37
N GLY A 10 -13.91 4.58 -1.46
CA GLY A 10 -14.62 3.36 -1.83
C GLY A 10 -15.04 2.53 -0.66
N GLU A 11 -15.83 1.50 -0.94
CA GLU A 11 -16.25 0.56 0.07
C GLU A 11 -15.22 -0.58 0.11
N PRO A 12 -14.70 -0.95 1.30
CA PRO A 12 -13.73 -2.06 1.35
C PRO A 12 -14.37 -3.36 0.84
N SER A 13 -13.64 -4.09 -0.02
CA SER A 13 -14.11 -5.38 -0.53
C SER A 13 -14.10 -6.41 0.62
N THR A 14 -13.20 -6.20 1.60
CA THR A 14 -13.08 -7.05 2.79
C THR A 14 -12.30 -6.35 3.90
N LEU A 15 -12.57 -6.74 5.16
CA LEU A 15 -11.79 -6.27 6.28
C LEU A 15 -10.88 -7.41 6.78
N ASP A 16 -10.89 -8.58 6.07
CA ASP A 16 -10.05 -9.75 6.40
C ASP A 16 -8.61 -9.19 6.58
N THR A 17 -8.07 -9.32 7.79
CA THR A 17 -6.83 -8.58 8.10
C THR A 17 -5.67 -8.86 7.17
N VAL A 18 -5.50 -10.14 6.75
CA VAL A 18 -4.30 -10.56 5.98
C VAL A 18 -4.35 -10.12 4.50
N VAL A 19 -5.56 -9.77 4.01
CA VAL A 19 -5.77 -9.33 2.62
C VAL A 19 -5.51 -7.85 2.53
N GLN A 20 -4.83 -7.44 1.44
CA GLN A 20 -4.56 -6.02 1.17
C GLN A 20 -5.58 -5.61 0.08
N PRO A 21 -6.76 -5.05 0.43
CA PRO A 21 -7.76 -4.75 -0.61
C PRO A 21 -7.55 -3.39 -1.28
N GLY A 22 -6.72 -2.56 -0.66
CA GLY A 22 -6.52 -1.19 -1.10
C GLY A 22 -6.59 -0.25 0.11
N THR A 23 -6.39 1.04 -0.14
CA THR A 23 -6.33 2.06 0.92
C THR A 23 -7.63 2.18 1.72
N SER A 24 -8.79 1.97 1.06
CA SER A 24 -10.07 2.11 1.80
C SER A 24 -10.17 1.09 2.94
N GLY A 25 -9.96 -0.20 2.62
CA GLY A 25 -9.99 -1.27 3.61
C GLY A 25 -8.91 -1.06 4.68
N ARG A 26 -7.69 -0.66 4.27
CA ARG A 26 -6.61 -0.40 5.22
C ARG A 26 -6.97 0.69 6.23
N THR A 27 -7.61 1.80 5.74
CA THR A 27 -7.97 2.93 6.61
C THR A 27 -8.91 2.47 7.75
N VAL A 28 -9.89 1.59 7.42
CA VAL A 28 -10.81 1.06 8.43
C VAL A 28 -10.04 0.09 9.36
N LYS A 29 -9.24 -0.80 8.78
CA LYS A 29 -8.46 -1.76 9.60
C LYS A 29 -7.56 -1.05 10.61
N LEU A 30 -6.98 0.09 10.22
CA LEU A 30 -6.04 0.81 11.10
C LEU A 30 -6.74 1.57 12.24
N ALA A 31 -8.07 1.63 12.22
CA ALA A 31 -8.82 2.20 13.33
C ALA A 31 -9.11 1.10 14.36
N ILE A 32 -9.35 -0.13 13.88
CA ILE A 32 -9.81 -1.26 14.71
C ILE A 32 -8.69 -2.19 15.17
N HIS A 33 -7.56 -2.21 14.46
CA HIS A 33 -6.53 -3.21 14.73
C HIS A 33 -5.18 -2.64 15.07
N ARG A 34 -4.33 -3.49 15.70
CA ARG A 34 -2.95 -3.17 16.03
C ARG A 34 -2.10 -4.42 15.82
N GLY A 35 -0.83 -4.20 15.46
CA GLY A 35 0.15 -5.28 15.36
C GLY A 35 1.10 -5.25 16.55
N LEU A 36 2.18 -6.05 16.49
CA LEU A 36 3.20 -6.04 17.53
C LEU A 36 3.80 -4.64 17.57
N VAL A 37 3.99 -4.06 16.37
CA VAL A 37 4.50 -2.71 16.14
C VAL A 37 3.66 -2.07 15.02
N ASN A 38 3.64 -0.75 14.97
CA ASN A 38 3.00 -0.03 13.86
C ASN A 38 3.79 1.25 13.70
N TYR A 39 3.73 1.88 12.50
CA TYR A 39 4.43 3.15 12.34
C TYR A 39 3.70 4.26 13.10
N GLY A 40 4.47 5.13 13.72
CA GLY A 40 4.00 6.35 14.39
C GLY A 40 3.79 7.42 13.34
N ILE A 41 3.11 8.54 13.71
CA ILE A 41 2.78 9.61 12.76
C ILE A 41 4.03 10.29 12.18
N ASP A 42 5.20 10.17 12.85
CA ASP A 42 6.47 10.73 12.39
C ASP A 42 7.28 9.69 11.58
N GLY A 43 6.72 8.49 11.41
CA GLY A 43 7.38 7.43 10.66
C GLY A 43 8.29 6.52 11.47
N LYS A 44 8.39 6.74 12.77
CA LYS A 44 9.24 5.85 13.58
C LYS A 44 8.39 4.59 13.91
N ILE A 45 9.04 3.44 14.09
CA ILE A 45 8.34 2.23 14.50
C ILE A 45 7.95 2.42 15.97
N SER A 46 6.67 2.17 16.26
CA SER A 46 6.11 2.32 17.60
C SER A 46 5.83 0.95 18.22
N PRO A 47 6.24 0.69 19.50
CA PRO A 47 5.88 -0.58 20.14
C PRO A 47 4.39 -0.54 20.51
N GLU A 48 3.61 -1.40 19.85
CA GLU A 48 2.14 -1.41 20.02
C GLU A 48 1.74 -2.58 20.90
N LEU A 49 1.31 -3.74 20.32
CA LEU A 49 1.01 -4.88 21.21
C LEU A 49 2.28 -5.47 21.86
N ALA A 50 3.44 -5.21 21.26
CA ALA A 50 4.72 -5.55 21.89
C ALA A 50 5.15 -4.29 22.66
N GLU A 51 5.27 -4.35 23.98
CA GLU A 51 5.77 -3.21 24.78
C GLU A 51 7.27 -2.97 24.49
N SER A 52 7.99 -4.04 24.17
CA SER A 52 9.40 -3.97 23.80
C SER A 52 9.73 -5.14 22.92
N TYR A 53 10.82 -5.03 22.20
CA TYR A 53 11.29 -6.11 21.36
C TYR A 53 12.80 -6.12 21.26
N GLU A 54 13.33 -7.32 21.08
CA GLU A 54 14.78 -7.53 21.00
C GLU A 54 15.09 -8.20 19.68
N VAL A 55 16.08 -7.68 18.95
CA VAL A 55 16.51 -8.22 17.65
C VAL A 55 17.95 -8.67 17.79
N SER A 56 18.25 -9.92 17.42
CA SER A 56 19.60 -10.45 17.51
C SER A 56 20.57 -9.65 16.59
N PRO A 57 21.88 -9.66 16.87
CA PRO A 57 22.80 -8.83 16.05
C PRO A 57 22.95 -9.26 14.57
N ASP A 58 22.45 -10.45 14.21
CA ASP A 58 22.44 -10.93 12.82
C ASP A 58 21.01 -10.84 12.22
N ALA A 59 20.03 -10.28 12.98
CA ALA A 59 18.65 -10.08 12.54
C ALA A 59 17.95 -11.39 12.13
N LYS A 60 18.21 -12.46 12.89
CA LYS A 60 17.58 -13.77 12.67
C LYS A 60 16.65 -14.19 13.81
N GLU A 61 16.82 -13.62 15.02
CA GLU A 61 16.02 -13.98 16.20
C GLU A 61 15.38 -12.73 16.77
N PHE A 62 14.08 -12.82 17.07
CA PHE A 62 13.29 -11.66 17.54
C PHE A 62 12.49 -12.06 18.76
N THR A 63 12.57 -11.26 19.82
CA THR A 63 11.75 -11.54 21.02
C THR A 63 10.83 -10.37 21.21
N PHE A 64 9.54 -10.65 21.39
CA PHE A 64 8.53 -9.60 21.67
C PHE A 64 7.99 -9.79 23.05
N HIS A 65 8.06 -8.74 23.86
CA HIS A 65 7.50 -8.75 25.21
C HIS A 65 6.18 -8.03 25.14
N LEU A 66 5.09 -8.77 25.29
CA LEU A 66 3.75 -8.21 25.09
C LEU A 66 3.29 -7.27 26.18
N ARG A 67 2.67 -6.18 25.75
CA ARG A 67 2.05 -5.17 26.60
C ARG A 67 0.79 -5.78 27.23
N GLN A 68 0.37 -5.29 28.38
CA GLN A 68 -0.91 -5.71 28.95
C GLN A 68 -1.98 -5.04 28.07
N ALA A 69 -2.77 -5.84 27.36
CA ALA A 69 -3.74 -5.30 26.41
C ALA A 69 -4.90 -6.25 26.25
N LYS A 70 -6.08 -5.72 25.86
CA LYS A 70 -7.25 -6.55 25.63
C LYS A 70 -7.79 -6.41 24.21
N PHE A 71 -8.46 -7.46 23.74
CA PHE A 71 -9.22 -7.44 22.50
C PHE A 71 -10.58 -6.83 22.80
N HIS A 72 -11.31 -6.43 21.74
CA HIS A 72 -12.63 -5.80 21.88
C HIS A 72 -13.68 -6.69 22.60
N ASP A 73 -13.47 -8.01 22.57
CA ASP A 73 -14.38 -8.95 23.23
C ASP A 73 -14.04 -9.15 24.74
N GLY A 74 -13.10 -8.35 25.26
CA GLY A 74 -12.66 -8.38 26.65
C GLY A 74 -11.59 -9.40 27.00
N THR A 75 -11.20 -10.27 26.03
CA THR A 75 -10.16 -11.27 26.24
C THR A 75 -8.79 -10.61 26.22
N THR A 76 -7.80 -11.22 26.89
CA THR A 76 -6.45 -10.66 26.98
C THR A 76 -5.62 -11.02 25.75
N VAL A 77 -4.80 -10.08 25.29
CA VAL A 77 -3.91 -10.34 24.15
C VAL A 77 -2.77 -11.23 24.65
N THR A 78 -2.59 -12.41 24.01
CA THR A 78 -1.54 -13.33 24.47
C THR A 78 -0.67 -13.78 23.30
N SER A 79 0.43 -14.46 23.63
CA SER A 79 1.36 -14.99 22.64
C SER A 79 0.72 -16.01 21.70
N ALA A 80 -0.27 -16.77 22.19
CA ALA A 80 -0.98 -17.73 21.31
C ALA A 80 -1.77 -17.00 20.21
N ASP A 81 -2.28 -15.78 20.50
CA ASP A 81 -3.01 -14.97 19.52
C ASP A 81 -2.03 -14.46 18.45
N VAL A 82 -0.84 -14.02 18.87
CA VAL A 82 0.19 -13.57 17.94
C VAL A 82 0.59 -14.74 17.04
N LYS A 83 0.83 -15.93 17.64
CA LYS A 83 1.25 -17.08 16.84
C LYS A 83 0.17 -17.49 15.81
N ALA A 84 -1.11 -17.56 16.23
CA ALA A 84 -2.21 -17.92 15.30
C ALA A 84 -2.33 -16.89 14.16
N SER A 85 -2.17 -15.59 14.48
CA SER A 85 -2.27 -14.50 13.50
C SER A 85 -1.15 -14.62 12.47
N LEU A 86 0.09 -14.87 12.95
CA LEU A 86 1.25 -15.04 12.06
C LEU A 86 1.13 -16.29 11.22
N GLU A 87 0.66 -17.40 11.82
CA GLU A 87 0.47 -18.66 11.07
C GLU A 87 -0.51 -18.52 9.90
N ARG A 88 -1.54 -17.65 10.07
CA ARG A 88 -2.50 -17.39 8.98
C ARG A 88 -1.81 -16.67 7.80
N ILE A 89 -0.87 -15.77 8.11
CA ILE A 89 -0.12 -15.06 7.07
C ILE A 89 0.80 -16.03 6.33
N LEU A 90 1.46 -16.90 7.09
CA LEU A 90 2.44 -17.85 6.56
C LEU A 90 1.86 -19.01 5.77
N ASP A 91 0.57 -19.29 5.95
CA ASP A 91 -0.09 -20.45 5.32
C ASP A 91 0.01 -20.38 3.79
N PRO A 92 0.73 -21.31 3.12
CA PRO A 92 0.83 -21.24 1.63
C PRO A 92 -0.48 -21.45 0.87
N LYS A 93 -1.49 -22.03 1.54
CA LYS A 93 -2.80 -22.24 0.93
C LYS A 93 -3.73 -21.08 1.28
N GLY A 94 -3.21 -20.09 2.02
CA GLY A 94 -3.97 -18.93 2.44
C GLY A 94 -3.91 -17.75 1.49
N LYS A 95 -4.71 -16.72 1.77
CA LYS A 95 -4.81 -15.56 0.90
C LYS A 95 -4.04 -14.32 1.41
N ALA A 96 -3.08 -14.48 2.35
CA ALA A 96 -2.33 -13.31 2.85
C ALA A 96 -1.56 -12.66 1.73
N SER A 97 -1.77 -11.34 1.57
CA SER A 97 -1.10 -10.59 0.50
C SER A 97 0.42 -10.48 0.66
N PHE A 98 0.93 -10.50 1.94
CA PHE A 98 2.35 -10.32 2.21
C PHE A 98 3.01 -11.57 2.72
N ARG A 99 2.45 -12.72 2.35
CA ARG A 99 3.04 -14.01 2.76
C ARG A 99 4.53 -14.10 2.32
N ASN A 100 4.85 -13.66 1.09
CA ASN A 100 6.23 -13.79 0.60
C ASN A 100 7.24 -13.08 1.53
N GLU A 101 6.85 -11.88 2.00
CA GLU A 101 7.72 -11.02 2.81
C GLU A 101 7.87 -11.51 4.24
N LEU A 102 6.86 -12.21 4.77
CA LEU A 102 6.96 -12.73 6.13
C LEU A 102 7.42 -14.20 6.14
N SER A 103 7.56 -14.85 4.93
CA SER A 103 7.83 -16.29 4.80
C SER A 103 9.16 -16.78 5.39
N SER A 104 10.09 -15.86 5.71
CA SER A 104 11.34 -16.24 6.36
C SER A 104 11.14 -16.66 7.82
N ILE A 105 9.95 -16.39 8.40
CA ILE A 105 9.66 -16.84 9.77
C ILE A 105 9.61 -18.38 9.73
N SER A 106 10.55 -19.07 10.40
CA SER A 106 10.57 -20.53 10.36
C SER A 106 10.13 -21.18 11.68
N LYS A 107 10.21 -20.44 12.79
CA LYS A 107 9.81 -20.96 14.09
C LYS A 107 9.15 -19.85 14.89
N ILE A 108 8.01 -20.17 15.57
CA ILE A 108 7.32 -19.22 16.43
C ILE A 108 7.19 -19.91 17.78
N GLU A 109 7.82 -19.34 18.81
CA GLU A 109 7.79 -19.92 20.15
C GLU A 109 6.99 -19.02 21.07
N THR A 110 6.27 -19.62 22.02
CA THR A 110 5.44 -18.88 23.00
C THR A 110 5.83 -19.40 24.40
N PRO A 111 7.04 -19.03 24.93
CA PRO A 111 7.48 -19.58 26.26
C PRO A 111 6.57 -19.24 27.42
N ASP A 112 5.87 -18.13 27.32
CA ASP A 112 4.84 -17.73 28.28
C ASP A 112 3.77 -16.92 27.57
N GLU A 113 2.67 -16.62 28.27
CA GLU A 113 1.55 -15.89 27.67
C GLU A 113 1.91 -14.49 27.16
N LYS A 114 3.01 -13.90 27.69
CA LYS A 114 3.41 -12.54 27.31
C LYS A 114 4.70 -12.45 26.51
N THR A 115 5.14 -13.56 25.92
CA THR A 115 6.38 -13.55 25.14
C THR A 115 6.22 -14.35 23.87
N VAL A 116 6.64 -13.76 22.74
CA VAL A 116 6.67 -14.40 21.42
C VAL A 116 8.10 -14.31 20.92
N LYS A 117 8.63 -15.43 20.43
CA LYS A 117 9.97 -15.43 19.86
C LYS A 117 9.91 -15.96 18.44
N LEU A 118 10.48 -15.20 17.48
CA LEU A 118 10.56 -15.63 16.08
C LEU A 118 11.99 -15.99 15.76
N THR A 119 12.17 -17.04 14.95
CA THR A 119 13.46 -17.41 14.41
C THR A 119 13.22 -17.43 12.91
N LEU A 120 14.11 -16.76 12.15
CA LEU A 120 14.01 -16.72 10.70
C LEU A 120 14.95 -17.73 10.06
N SER A 121 14.58 -18.22 8.86
CA SER A 121 15.41 -19.16 8.12
C SER A 121 16.58 -18.40 7.46
N THR A 122 16.36 -17.09 7.11
CA THR A 122 17.39 -16.21 6.55
C THR A 122 17.28 -14.85 7.27
N PRO A 123 18.38 -14.09 7.45
CA PRO A 123 18.26 -12.81 8.18
C PRO A 123 17.43 -11.76 7.47
N SER A 124 16.80 -10.88 8.25
CA SER A 124 16.04 -9.77 7.69
C SER A 124 16.04 -8.57 8.62
N VAL A 125 16.76 -7.52 8.22
CA VAL A 125 16.76 -6.25 8.95
C VAL A 125 15.41 -5.49 8.72
N ALA A 126 14.52 -6.02 7.83
CA ALA A 126 13.24 -5.39 7.50
C ALA A 126 12.04 -6.09 8.17
N MET A 127 12.28 -7.20 8.90
CA MET A 127 11.20 -7.96 9.53
C MET A 127 10.35 -7.10 10.45
N ILE A 128 10.99 -6.24 11.29
CA ILE A 128 10.19 -5.38 12.19
C ILE A 128 9.24 -4.48 11.36
N ASP A 129 9.77 -3.95 10.24
CA ASP A 129 8.93 -3.10 9.36
C ASP A 129 7.76 -3.89 8.76
N TYR A 130 8.00 -5.13 8.32
CA TYR A 130 6.91 -5.95 7.76
C TYR A 130 5.87 -6.33 8.83
N LEU A 131 6.29 -6.38 10.12
CA LEU A 131 5.34 -6.64 11.20
C LEU A 131 4.47 -5.42 11.50
N ALA A 132 4.84 -4.26 10.92
CA ALA A 132 4.06 -3.02 11.06
C ALA A 132 3.02 -2.92 9.93
N LEU A 133 3.01 -3.86 8.96
CA LEU A 133 2.00 -3.75 7.88
C LEU A 133 0.59 -3.73 8.46
N PRO A 134 -0.38 -3.04 7.81
CA PRO A 134 -1.78 -3.13 8.28
C PRO A 134 -2.26 -4.60 8.20
N GLU A 135 -1.62 -5.42 7.32
CA GLU A 135 -2.02 -6.82 7.14
C GLU A 135 -1.36 -7.76 8.17
N SER A 136 -0.44 -7.23 9.01
CA SER A 136 0.28 -8.03 10.04
C SER A 136 -0.33 -7.82 11.46
N VAL A 137 -1.53 -7.22 11.52
CA VAL A 137 -2.19 -6.96 12.81
C VAL A 137 -2.58 -8.27 13.48
N ILE A 138 -2.77 -8.23 14.80
CA ILE A 138 -3.05 -9.43 15.60
C ILE A 138 -4.52 -9.55 15.94
N VAL A 139 -5.07 -10.74 15.75
CA VAL A 139 -6.47 -11.04 16.10
C VAL A 139 -6.47 -12.23 17.08
N PRO A 140 -7.61 -12.50 17.78
CA PRO A 140 -7.59 -13.60 18.75
C PRO A 140 -7.56 -14.97 18.09
N ALA A 141 -6.76 -15.88 18.66
CA ALA A 141 -6.67 -17.28 18.19
C ALA A 141 -8.06 -17.96 18.27
N ALA A 142 -8.81 -17.75 19.37
CA ALA A 142 -10.14 -18.36 19.58
C ALA A 142 -11.14 -17.79 18.56
N TRP A 143 -10.97 -16.50 18.20
CA TRP A 143 -11.85 -15.85 17.21
C TRP A 143 -11.58 -16.46 15.84
N LEU A 144 -10.29 -16.66 15.46
CA LEU A 144 -9.93 -17.28 14.18
C LEU A 144 -10.47 -18.70 14.06
N ALA A 145 -10.38 -19.50 15.14
CA ALA A 145 -10.86 -20.89 15.16
C ALA A 145 -12.36 -20.95 14.90
N LYS A 146 -13.12 -20.06 15.53
CA LYS A 146 -14.59 -20.02 15.38
C LYS A 146 -15.03 -19.47 14.02
N ASN A 147 -14.29 -18.49 13.48
CA ASN A 147 -14.70 -17.82 12.24
C ASN A 147 -13.87 -18.22 11.02
N ALA A 148 -13.40 -19.49 11.00
CA ALA A 148 -12.59 -20.11 9.94
C ALA A 148 -13.31 -20.17 8.58
N ASP A 149 -14.64 -20.34 8.60
CA ASP A 149 -15.47 -20.43 7.38
C ASP A 149 -16.53 -19.30 7.30
N ASN A 150 -16.30 -18.18 8.02
CA ASN A 150 -17.19 -17.01 8.03
C ASN A 150 -16.39 -15.80 7.50
N PRO A 151 -16.36 -15.60 6.16
CA PRO A 151 -15.56 -14.48 5.60
C PRO A 151 -16.14 -13.09 5.90
N ASN A 152 -17.38 -13.04 6.41
CA ASN A 152 -18.06 -11.78 6.75
C ASN A 152 -18.29 -11.63 8.26
N ALA A 153 -17.52 -12.38 9.10
CA ALA A 153 -17.66 -12.31 10.57
C ALA A 153 -17.25 -10.91 11.07
N ALA A 154 -17.98 -10.36 12.07
CA ALA A 154 -17.70 -9.02 12.61
C ALA A 154 -16.27 -8.97 13.20
N PRO A 155 -15.46 -8.01 12.78
CA PRO A 155 -14.06 -7.97 13.27
C PRO A 155 -13.90 -7.77 14.78
N VAL A 156 -12.90 -8.46 15.33
CA VAL A 156 -12.50 -8.33 16.74
C VAL A 156 -11.00 -8.02 16.71
N GLY A 157 -10.62 -6.87 17.25
CA GLY A 157 -9.21 -6.48 17.24
C GLY A 157 -8.76 -5.87 18.57
N ALA A 158 -7.59 -5.23 18.54
CA ALA A 158 -6.99 -4.63 19.72
C ALA A 158 -6.74 -3.12 19.53
N GLY A 159 -7.33 -2.56 18.47
CA GLY A 159 -7.13 -1.15 18.15
C GLY A 159 -7.98 -0.18 18.96
N PRO A 160 -7.80 1.14 18.73
CA PRO A 160 -8.49 2.16 19.56
C PRO A 160 -10.00 2.23 19.38
N PHE A 161 -10.50 1.69 18.25
CA PHE A 161 -11.95 1.65 17.99
C PHE A 161 -12.43 0.22 17.76
N LYS A 162 -13.67 -0.05 18.17
CA LYS A 162 -14.32 -1.37 18.04
C LYS A 162 -15.24 -1.29 16.85
N PHE A 163 -15.37 -2.39 16.11
CA PHE A 163 -16.30 -2.45 14.99
C PHE A 163 -17.73 -2.36 15.55
N ALA A 164 -18.57 -1.49 14.97
CA ALA A 164 -19.94 -1.36 15.48
C ALA A 164 -20.98 -1.81 14.45
N GLY A 165 -20.68 -1.67 13.18
CA GLY A 165 -21.61 -2.11 12.13
C GLY A 165 -21.15 -1.73 10.74
N TRP A 166 -21.69 -2.44 9.74
CA TRP A 166 -21.38 -2.15 8.36
C TRP A 166 -22.70 -2.17 7.59
N THR A 167 -23.10 -1.02 7.05
CA THR A 167 -24.29 -0.95 6.21
C THR A 167 -23.77 -1.04 4.78
N ARG A 168 -24.03 -2.16 4.09
CA ARG A 168 -23.53 -2.39 2.72
C ARG A 168 -23.91 -1.22 1.81
N GLY A 169 -22.92 -0.72 1.07
CA GLY A 169 -23.10 0.40 0.15
C GLY A 169 -23.18 1.77 0.80
N ARG A 170 -23.02 1.84 2.15
CA ARG A 170 -23.15 3.16 2.77
C ARG A 170 -22.01 3.49 3.73
N GLU A 171 -21.85 2.70 4.81
CA GLU A 171 -20.81 3.05 5.78
C GLU A 171 -20.42 1.93 6.73
N ILE A 172 -19.26 2.10 7.36
CA ILE A 172 -18.80 1.27 8.49
C ILE A 172 -18.71 2.22 9.67
N THR A 173 -19.33 1.86 10.80
N THR A 173 -19.30 1.84 10.81
CA THR A 173 -19.25 2.67 12.03
CA THR A 173 -19.25 2.63 12.03
C THR A 173 -18.36 1.97 13.04
C THR A 173 -18.33 1.95 13.04
N VAL A 174 -17.48 2.73 13.70
CA VAL A 174 -16.60 2.21 14.75
C VAL A 174 -16.80 3.09 15.98
N LYS A 175 -16.61 2.52 17.19
CA LYS A 175 -16.84 3.24 18.44
C LYS A 175 -15.61 3.14 19.32
N LYS A 176 -15.36 4.16 20.14
CA LYS A 176 -14.21 4.18 21.03
C LYS A 176 -14.14 2.92 21.89
N PHE A 177 -12.96 2.30 21.94
CA PHE A 177 -12.68 1.13 22.78
C PHE A 177 -12.11 1.67 24.10
N ASP A 178 -12.94 1.69 25.18
CA ASP A 178 -12.50 2.27 26.45
C ASP A 178 -11.30 1.59 27.08
N ASP A 179 -11.14 0.28 26.84
CA ASP A 179 -10.04 -0.51 27.41
C ASP A 179 -8.77 -0.50 26.55
N TYR A 180 -8.69 0.43 25.56
CA TYR A 180 -7.48 0.59 24.72
C TYR A 180 -6.30 0.99 25.63
N TYR A 181 -5.09 0.50 25.29
CA TYR A 181 -3.92 0.66 26.18
C TYR A 181 -3.25 2.02 26.20
N LYS A 182 -3.63 2.97 25.33
CA LYS A 182 -3.02 4.31 25.34
C LYS A 182 -3.90 5.27 26.10
N LYS A 183 -3.33 5.95 27.12
CA LYS A 183 -4.07 6.92 27.94
C LYS A 183 -4.59 8.08 27.07
N GLY A 184 -5.86 8.41 27.25
CA GLY A 184 -6.52 9.50 26.53
C GLY A 184 -6.75 9.26 25.05
N LYS A 185 -6.58 8.00 24.62
CA LYS A 185 -6.81 7.71 23.21
C LYS A 185 -7.84 6.59 23.04
N PRO A 186 -8.64 6.63 21.96
CA PRO A 186 -8.74 7.75 20.99
C PRO A 186 -9.52 8.92 21.63
N ASP A 187 -9.52 10.09 20.98
CA ASP A 187 -10.27 11.22 21.52
C ASP A 187 -11.75 11.17 21.07
N LEU A 188 -11.97 10.70 19.83
CA LEU A 188 -13.33 10.61 19.27
C LEU A 188 -14.14 9.49 19.88
N ASP A 189 -15.45 9.70 20.01
CA ASP A 189 -16.33 8.65 20.51
C ASP A 189 -16.69 7.66 19.41
N GLU A 190 -16.81 8.14 18.16
CA GLU A 190 -17.17 7.30 16.99
C GLU A 190 -16.59 7.88 15.73
N VAL A 191 -16.43 7.02 14.74
CA VAL A 191 -16.05 7.42 13.40
C VAL A 191 -16.98 6.65 12.47
N HIS A 192 -17.62 7.37 11.54
CA HIS A 192 -18.45 6.74 10.50
C HIS A 192 -17.65 6.89 9.20
N TYR A 193 -17.22 5.76 8.65
CA TYR A 193 -16.46 5.72 7.38
C TYR A 193 -17.51 5.56 6.28
N VAL A 194 -17.81 6.64 5.56
CA VAL A 194 -18.87 6.70 4.54
C VAL A 194 -18.25 6.53 3.16
N PHE A 195 -18.85 5.70 2.33
CA PHE A 195 -18.28 5.36 1.03
C PHE A 195 -18.74 6.31 -0.07
N TYR A 196 -17.77 7.01 -0.68
CA TYR A 196 -18.06 7.90 -1.83
C TYR A 196 -17.21 7.48 -3.01
N SER A 197 -17.73 6.53 -3.84
CA SER A 197 -16.98 6.02 -4.99
CA SER A 197 -16.99 6.01 -5.00
C SER A 197 -16.83 7.02 -6.13
N ASP A 198 -17.77 7.98 -6.27
CA ASP A 198 -17.65 9.00 -7.31
C ASP A 198 -16.87 10.16 -6.63
N GLU A 199 -15.67 10.52 -7.13
CA GLU A 199 -14.83 11.52 -6.45
C GLU A 199 -15.45 12.91 -6.40
N ASN A 200 -16.31 13.25 -7.37
CA ASN A 200 -17.01 14.54 -7.34
C ASN A 200 -18.02 14.58 -6.20
N THR A 201 -18.75 13.45 -5.97
CA THR A 201 -19.67 13.41 -4.82
C THR A 201 -18.85 13.49 -3.51
N ARG A 202 -17.64 12.88 -3.50
CA ARG A 202 -16.81 12.89 -2.30
C ARG A 202 -16.37 14.34 -1.95
N VAL A 203 -15.86 15.08 -2.95
CA VAL A 203 -15.44 16.47 -2.77
C VAL A 203 -16.65 17.32 -2.38
N ASN A 204 -17.80 17.08 -3.06
CA ASN A 204 -19.02 17.84 -2.73
C ASN A 204 -19.51 17.57 -1.31
N ALA A 205 -19.32 16.33 -0.80
CA ALA A 205 -19.71 16.00 0.58
C ALA A 205 -18.89 16.83 1.57
N LEU A 206 -17.58 17.05 1.28
CA LEU A 206 -16.78 17.89 2.16
C LEU A 206 -17.20 19.37 2.06
N LYS A 207 -17.31 19.89 0.83
CA LYS A 207 -17.65 21.30 0.62
C LYS A 207 -19.05 21.67 1.09
N SER A 208 -20.01 20.73 1.02
CA SER A 208 -21.39 21.02 1.43
C SER A 208 -21.60 20.78 2.93
N GLY A 209 -20.58 20.25 3.60
CA GLY A 209 -20.56 19.99 5.03
C GLY A 209 -21.21 18.70 5.49
N ASP A 210 -21.28 17.68 4.61
CA ASP A 210 -21.82 16.38 4.96
C ASP A 210 -20.80 15.46 5.64
N VAL A 211 -19.48 15.67 5.38
CA VAL A 211 -18.40 14.86 5.99
C VAL A 211 -17.34 15.80 6.57
N ASP A 212 -16.47 15.26 7.45
CA ASP A 212 -15.45 16.04 8.14
C ASP A 212 -14.04 15.85 7.58
N ILE A 213 -13.78 14.69 6.98
CA ILE A 213 -12.50 14.37 6.33
C ILE A 213 -12.81 13.60 5.05
N ILE A 214 -12.00 13.79 4.00
CA ILE A 214 -12.07 12.97 2.80
C ILE A 214 -10.68 12.51 2.42
N ASP A 215 -10.58 11.34 1.80
CA ASP A 215 -9.27 10.90 1.27
C ASP A 215 -9.26 10.99 -0.27
N TYR A 216 -8.10 10.71 -0.90
CA TYR A 216 -7.93 10.78 -2.35
C TYR A 216 -8.53 12.06 -2.95
N VAL A 217 -8.10 13.23 -2.44
CA VAL A 217 -8.60 14.49 -2.98
C VAL A 217 -8.14 14.55 -4.44
N PRO A 218 -9.06 14.72 -5.41
CA PRO A 218 -8.61 14.79 -6.83
C PRO A 218 -7.74 16.02 -7.07
N ALA A 219 -6.73 15.88 -7.95
CA ALA A 219 -5.81 16.97 -8.30
C ALA A 219 -6.55 18.21 -8.78
N LYS A 220 -7.65 18.04 -9.53
CA LYS A 220 -8.40 19.22 -10.03
C LYS A 220 -9.05 20.06 -8.92
N ASP A 221 -9.30 19.45 -7.75
CA ASP A 221 -9.96 20.13 -6.62
C ASP A 221 -8.99 20.60 -5.51
N ALA A 222 -7.73 20.18 -5.58
CA ALA A 222 -6.75 20.45 -4.52
C ALA A 222 -6.57 21.94 -4.20
N ALA A 223 -6.43 22.82 -5.23
CA ALA A 223 -6.25 24.27 -5.02
C ALA A 223 -7.43 24.93 -4.33
N ASP A 224 -8.66 24.65 -4.80
CA ASP A 224 -9.91 25.19 -4.22
C ASP A 224 -10.01 24.76 -2.75
N ILE A 225 -9.71 23.48 -2.46
CA ILE A 225 -9.78 22.98 -1.09
C ILE A 225 -8.72 23.63 -0.19
N ALA A 226 -7.47 23.75 -0.68
CA ALA A 226 -6.37 24.35 0.09
C ALA A 226 -6.66 25.79 0.48
N LYS A 227 -7.34 26.57 -0.42
CA LYS A 227 -7.73 27.97 -0.24
C LYS A 227 -8.67 28.13 0.96
N GLY A 228 -9.64 27.22 1.09
CA GLY A 228 -10.60 27.27 2.19
C GLY A 228 -11.55 28.43 2.08
N PRO A 229 -11.86 29.17 3.17
CA PRO A 229 -11.28 29.07 4.53
C PRO A 229 -11.84 27.96 5.43
N GLU A 230 -12.89 27.25 4.98
CA GLU A 230 -13.52 26.23 5.81
C GLU A 230 -12.98 24.83 5.61
N THR A 231 -12.03 24.68 4.69
CA THR A 231 -11.38 23.39 4.45
C THR A 231 -9.87 23.59 4.49
N GLN A 232 -9.13 22.51 4.70
CA GLN A 232 -7.68 22.49 4.76
C GLN A 232 -7.21 21.27 3.97
N LEU A 233 -6.17 21.44 3.16
CA LEU A 233 -5.60 20.33 2.42
C LEU A 233 -4.36 19.82 3.19
N LEU A 234 -4.22 18.49 3.36
CA LEU A 234 -3.08 17.86 4.04
C LEU A 234 -2.29 17.16 2.93
N ARG A 235 -1.10 17.70 2.61
CA ARG A 235 -0.28 17.24 1.48
C ARG A 235 0.70 16.09 1.73
N ASN A 236 1.02 15.38 0.62
CA ASN A 236 1.98 14.29 0.59
C ASN A 236 2.33 14.09 -0.88
N THR A 237 3.56 13.64 -1.17
CA THR A 237 4.04 13.31 -2.53
C THR A 237 4.78 11.96 -2.52
N GLY A 238 4.17 10.96 -1.89
CA GLY A 238 4.73 9.63 -1.70
C GLY A 238 4.56 8.60 -2.79
N PRO A 239 3.33 8.42 -3.35
CA PRO A 239 3.16 7.32 -4.33
C PRO A 239 3.68 7.64 -5.71
N PHE A 240 3.84 6.58 -6.49
CA PHE A 240 4.25 6.71 -7.89
C PHE A 240 3.19 6.02 -8.78
N MET A 241 3.18 6.38 -10.06
CA MET A 241 2.36 5.77 -11.11
C MET A 241 3.30 5.03 -12.04
N GLY A 242 2.90 3.84 -12.48
CA GLY A 242 3.72 3.05 -13.39
C GLY A 242 2.95 1.86 -13.92
N LEU A 243 3.68 0.78 -14.29
CA LEU A 243 3.03 -0.42 -14.80
C LEU A 243 3.64 -1.66 -14.20
N GLN A 244 2.79 -2.65 -13.95
CA GLN A 244 3.14 -4.02 -13.56
C GLN A 244 2.78 -4.87 -14.77
N PHE A 245 3.65 -5.80 -15.13
CA PHE A 245 3.47 -6.66 -16.30
C PHE A 245 3.30 -8.12 -15.91
N ASN A 246 2.36 -8.83 -16.53
CA ASN A 246 2.27 -10.26 -16.32
C ASN A 246 3.28 -10.87 -17.30
N THR A 247 4.38 -11.41 -16.76
CA THR A 247 5.46 -11.94 -17.59
C THR A 247 5.11 -13.27 -18.31
N LYS A 248 3.91 -13.83 -18.07
CA LYS A 248 3.42 -15.00 -18.84
C LYS A 248 2.81 -14.54 -20.18
N PHE A 249 2.57 -13.22 -20.33
CA PHE A 249 2.11 -12.65 -21.60
C PHE A 249 3.41 -12.50 -22.37
N GLU A 250 3.62 -13.36 -23.39
CA GLU A 250 4.88 -13.49 -24.12
C GLU A 250 5.63 -12.15 -24.41
N PRO A 251 5.05 -11.11 -25.05
CA PRO A 251 5.83 -9.87 -25.24
C PRO A 251 6.41 -9.27 -23.94
N PHE A 252 5.67 -9.40 -22.82
CA PHE A 252 6.08 -8.84 -21.53
C PHE A 252 7.12 -9.68 -20.78
N SER A 253 7.53 -10.82 -21.36
CA SER A 253 8.59 -11.63 -20.75
C SER A 253 9.93 -11.07 -21.21
N LYS A 254 9.90 -10.09 -22.15
CA LYS A 254 11.10 -9.52 -22.76
C LYS A 254 11.51 -8.16 -22.21
N PRO A 255 12.73 -8.03 -21.62
CA PRO A 255 13.17 -6.71 -21.15
C PRO A 255 13.11 -5.61 -22.23
N GLU A 256 13.40 -5.94 -23.50
N GLU A 256 13.39 -5.94 -23.51
CA GLU A 256 13.36 -4.95 -24.59
CA GLU A 256 13.36 -4.98 -24.61
C GLU A 256 11.94 -4.39 -24.82
C GLU A 256 11.95 -4.40 -24.83
N VAL A 257 10.90 -5.21 -24.60
CA VAL A 257 9.50 -4.76 -24.75
C VAL A 257 9.14 -3.83 -23.58
N ARG A 258 9.51 -4.22 -22.36
CA ARG A 258 9.20 -3.42 -21.18
C ARG A 258 9.93 -2.07 -21.27
N GLN A 259 11.21 -2.08 -21.72
CA GLN A 259 11.99 -0.85 -21.94
C GLN A 259 11.37 -0.02 -23.06
N ALA A 260 10.90 -0.66 -24.18
CA ALA A 260 10.23 0.09 -25.28
C ALA A 260 9.07 0.92 -24.72
N ILE A 261 8.26 0.32 -23.84
CA ILE A 261 7.13 1.01 -23.18
C ILE A 261 7.63 2.20 -22.33
N ALA A 262 8.73 2.01 -21.57
CA ALA A 262 9.34 3.07 -20.77
C ALA A 262 9.82 4.24 -21.66
N TYR A 263 10.30 3.94 -22.90
CA TYR A 263 10.76 4.99 -23.83
C TYR A 263 9.60 5.66 -24.59
N ALA A 264 8.49 4.93 -24.78
CA ALA A 264 7.36 5.40 -25.60
C ALA A 264 6.36 6.28 -24.89
N VAL A 265 6.25 6.15 -23.56
CA VAL A 265 5.21 6.90 -22.85
C VAL A 265 5.71 8.26 -22.41
N ASP A 266 5.13 9.35 -22.98
CA ASP A 266 5.48 10.68 -22.56
C ASP A 266 4.91 10.92 -21.16
N ARG A 267 5.79 11.23 -20.22
CA ARG A 267 5.39 11.39 -18.82
C ARG A 267 4.57 12.65 -18.56
N SER A 268 4.81 13.72 -19.34
CA SER A 268 3.99 14.94 -19.19
C SER A 268 2.57 14.69 -19.65
N ALA A 269 2.33 13.75 -20.60
CA ALA A 269 0.97 13.44 -21.05
C ALA A 269 0.18 12.87 -19.88
N ILE A 270 0.80 12.02 -19.05
CA ILE A 270 0.13 11.47 -17.86
C ILE A 270 -0.12 12.58 -16.82
N ILE A 271 0.93 13.33 -16.46
CA ILE A 271 0.84 14.41 -15.45
C ILE A 271 -0.25 15.44 -15.83
N ASN A 272 -0.22 15.91 -17.09
CA ASN A 272 -1.15 16.95 -17.55
C ASN A 272 -2.58 16.48 -17.78
N THR A 273 -2.78 15.25 -18.27
CA THR A 273 -4.14 14.78 -18.57
C THR A 273 -4.80 13.97 -17.45
N ALA A 274 -4.02 13.42 -16.51
CA ALA A 274 -4.58 12.61 -15.42
C ALA A 274 -4.46 13.27 -14.05
N PHE A 275 -3.49 14.19 -13.89
CA PHE A 275 -3.22 14.81 -12.58
C PHE A 275 -3.24 16.34 -12.58
N ASN A 276 -3.90 16.95 -13.58
CA ASN A 276 -4.06 18.42 -13.65
C ASN A 276 -2.72 19.19 -13.58
N GLY A 277 -1.67 18.59 -14.14
CA GLY A 277 -0.35 19.21 -14.14
C GLY A 277 0.42 19.06 -12.85
N LEU A 278 -0.11 18.28 -11.87
CA LEU A 278 0.56 18.07 -10.58
C LEU A 278 1.32 16.74 -10.55
N GLY A 279 2.60 16.80 -10.21
CA GLY A 279 3.46 15.62 -10.11
C GLY A 279 4.78 15.84 -10.81
N SER A 280 5.67 14.84 -10.72
CA SER A 280 7.01 14.95 -11.28
C SER A 280 7.37 13.69 -12.07
N PRO A 281 7.99 13.83 -13.25
CA PRO A 281 8.34 12.62 -14.03
C PRO A 281 9.42 11.75 -13.38
N ILE A 282 9.36 10.44 -13.62
CA ILE A 282 10.35 9.46 -13.19
C ILE A 282 10.94 8.86 -14.45
N PHE A 283 12.28 8.88 -14.57
CA PHE A 283 12.97 8.31 -15.74
C PHE A 283 13.88 7.14 -15.37
N GLY A 284 13.67 6.56 -14.20
CA GLY A 284 14.43 5.40 -13.75
C GLY A 284 13.58 4.59 -12.79
N ILE A 285 14.20 4.10 -11.71
CA ILE A 285 13.48 3.35 -10.67
C ILE A 285 12.92 4.38 -9.70
N ALA A 286 11.69 4.14 -9.22
CA ALA A 286 11.06 5.08 -8.28
C ALA A 286 11.58 4.92 -6.85
N ILE A 287 12.83 5.34 -6.62
CA ILE A 287 13.42 5.29 -5.28
C ILE A 287 13.41 6.72 -4.74
N PRO A 288 12.72 7.01 -3.61
CA PRO A 288 12.74 8.39 -3.11
C PRO A 288 14.11 8.79 -2.60
N LYS A 289 14.37 10.10 -2.59
CA LYS A 289 15.56 10.69 -1.98
C LYS A 289 15.61 10.19 -0.53
N GLY A 290 16.78 9.77 -0.08
CA GLY A 290 16.96 9.29 1.29
C GLY A 290 16.93 7.77 1.41
N TYR A 291 16.48 7.06 0.37
CA TYR A 291 16.47 5.58 0.39
C TYR A 291 17.71 5.06 -0.32
N MET A 292 18.23 3.92 0.14
CA MET A 292 19.36 3.26 -0.50
C MET A 292 18.96 2.83 -1.90
N GLY A 293 19.87 3.06 -2.85
CA GLY A 293 19.64 2.81 -4.27
C GLY A 293 19.37 4.11 -5.02
N TYR A 294 19.04 5.20 -4.28
CA TYR A 294 18.78 6.50 -4.91
C TYR A 294 20.07 6.99 -5.57
N SER A 295 19.94 7.60 -6.76
CA SER A 295 21.12 8.11 -7.48
C SER A 295 20.70 9.21 -8.44
N ASP A 296 21.37 10.37 -8.38
CA ASP A 296 21.07 11.47 -9.31
C ASP A 296 21.56 11.11 -10.70
N ALA A 297 22.69 10.40 -10.77
CA ALA A 297 23.37 9.97 -12.00
C ALA A 297 22.53 8.99 -12.83
N LYS A 298 21.75 8.09 -12.15
CA LYS A 298 20.91 7.07 -12.80
C LYS A 298 19.43 7.49 -12.95
N ALA A 299 19.12 8.74 -12.59
CA ALA A 299 17.73 9.25 -12.59
C ALA A 299 17.18 9.50 -13.99
N ASN A 300 18.05 9.47 -15.02
CA ASN A 300 17.64 9.72 -16.39
C ASN A 300 18.05 8.58 -17.31
N TYR A 301 17.89 7.34 -16.81
CA TYR A 301 18.18 6.14 -17.60
C TYR A 301 17.31 6.15 -18.85
N PHE A 302 16.00 6.41 -18.65
CA PHE A 302 15.08 6.50 -19.79
C PHE A 302 14.90 7.96 -20.17
N SER A 303 14.26 8.18 -21.33
CA SER A 303 13.87 9.48 -21.84
C SER A 303 12.67 9.20 -22.73
N HIS A 304 11.98 10.25 -23.20
CA HIS A 304 10.89 10.02 -24.13
C HIS A 304 11.49 9.98 -25.54
N HIS A 305 11.40 8.81 -26.18
CA HIS A 305 11.98 8.62 -27.51
C HIS A 305 11.26 7.53 -28.29
N VAL A 306 10.21 7.93 -29.00
CA VAL A 306 9.32 7.05 -29.77
C VAL A 306 10.08 6.18 -30.77
N GLU A 307 10.99 6.78 -31.57
CA GLU A 307 11.70 6.00 -32.58
C GLU A 307 12.63 4.94 -31.94
N LYS A 308 13.19 5.22 -30.75
CA LYS A 308 14.01 4.27 -29.99
C LYS A 308 13.11 3.11 -29.48
N ALA A 309 11.88 3.43 -29.02
CA ALA A 309 10.90 2.44 -28.56
C ALA A 309 10.51 1.51 -29.72
N LYS A 310 10.26 2.08 -30.92
CA LYS A 310 9.94 1.30 -32.11
C LYS A 310 11.08 0.34 -32.48
N ALA A 311 12.34 0.83 -32.41
CA ALA A 311 13.51 -0.02 -32.74
C ALA A 311 13.64 -1.18 -31.76
N LEU A 312 13.37 -0.93 -30.44
CA LEU A 312 13.41 -1.97 -29.42
C LEU A 312 12.39 -3.07 -29.65
N LEU A 313 11.14 -2.69 -30.03
CA LEU A 313 10.08 -3.67 -30.34
C LEU A 313 10.50 -4.52 -31.51
N ALA A 314 11.07 -3.89 -32.57
CA ALA A 314 11.52 -4.60 -33.77
C ALA A 314 12.62 -5.59 -33.41
N LYS A 315 13.56 -5.18 -32.54
CA LYS A 315 14.67 -6.02 -32.07
C LYS A 315 14.15 -7.21 -31.26
N ALA A 316 13.06 -7.00 -30.48
CA ALA A 316 12.41 -8.01 -29.65
C ALA A 316 11.57 -9.03 -30.47
N GLY A 317 11.36 -8.75 -31.75
CA GLY A 317 10.61 -9.62 -32.64
C GLY A 317 9.18 -9.16 -32.94
N TYR A 318 8.88 -7.86 -32.67
CA TYR A 318 7.56 -7.23 -32.91
C TYR A 318 7.68 -6.04 -33.88
N PRO A 319 8.01 -6.26 -35.18
CA PRO A 319 8.15 -5.11 -36.10
C PRO A 319 6.83 -4.40 -36.41
N ASN A 320 5.70 -5.07 -36.15
CA ASN A 320 4.36 -4.57 -36.37
C ASN A 320 3.60 -4.40 -35.06
N GLY A 321 4.30 -4.49 -33.92
CA GLY A 321 3.70 -4.37 -32.60
C GLY A 321 2.88 -5.59 -32.25
N PHE A 322 1.85 -5.41 -31.40
CA PHE A 322 0.98 -6.50 -30.96
C PHE A 322 -0.27 -5.93 -30.32
N GLU A 323 -1.25 -6.81 -30.02
CA GLU A 323 -2.48 -6.41 -29.33
C GLU A 323 -2.36 -6.83 -27.86
N VAL A 324 -2.89 -6.00 -26.95
CA VAL A 324 -2.80 -6.29 -25.52
C VAL A 324 -3.94 -5.60 -24.79
N ARG A 325 -4.26 -6.07 -23.59
CA ARG A 325 -5.28 -5.45 -22.76
C ARG A 325 -4.62 -4.85 -21.53
N LEU A 326 -5.00 -3.61 -21.18
CA LEU A 326 -4.50 -2.91 -19.98
C LEU A 326 -5.60 -2.83 -18.94
N LEU A 327 -5.30 -3.38 -17.76
CA LEU A 327 -6.25 -3.34 -16.63
C LEU A 327 -6.02 -2.09 -15.80
N ALA A 328 -7.09 -1.35 -15.55
CA ALA A 328 -7.02 -0.21 -14.63
C ALA A 328 -8.40 -0.15 -13.95
N THR A 329 -8.93 1.04 -13.67
CA THR A 329 -10.24 1.19 -13.02
C THR A 329 -10.87 2.48 -13.47
N SER A 330 -12.21 2.55 -13.46
CA SER A 330 -12.90 3.80 -13.72
C SER A 330 -13.25 4.48 -12.35
N GLN A 331 -13.02 3.80 -11.22
CA GLN A 331 -13.37 4.34 -9.89
C GLN A 331 -12.51 5.54 -9.48
N TYR A 332 -11.27 5.59 -9.98
CA TYR A 332 -10.33 6.68 -9.69
C TYR A 332 -10.04 7.32 -11.03
N SER A 333 -10.51 8.54 -11.22
CA SER A 333 -10.30 9.22 -12.51
C SER A 333 -8.83 9.23 -12.93
N PHE A 334 -7.90 9.40 -11.96
CA PHE A 334 -6.48 9.41 -12.37
C PHE A 334 -6.03 8.07 -12.96
N GLN A 335 -6.60 6.96 -12.49
CA GLN A 335 -6.24 5.62 -13.01
C GLN A 335 -6.79 5.47 -14.44
N GLN A 336 -8.08 5.84 -14.63
CA GLN A 336 -8.67 5.79 -15.97
C GLN A 336 -7.90 6.69 -16.95
N ASN A 337 -7.61 7.94 -16.55
CA ASN A 337 -6.92 8.88 -17.46
C ASN A 337 -5.47 8.48 -17.71
N THR A 338 -4.82 7.86 -16.70
CA THR A 338 -3.45 7.35 -16.93
C THR A 338 -3.54 6.25 -17.98
N ALA A 339 -4.55 5.36 -17.85
CA ALA A 339 -4.74 4.25 -18.80
C ALA A 339 -4.99 4.75 -20.23
N ILE A 340 -5.84 5.79 -20.37
CA ILE A 340 -6.15 6.41 -21.66
C ILE A 340 -4.88 7.00 -22.29
N ALA A 341 -4.06 7.69 -21.49
CA ALA A 341 -2.80 8.28 -21.97
C ALA A 341 -1.85 7.17 -22.44
N ILE A 342 -1.73 6.07 -21.66
CA ILE A 342 -0.86 4.95 -22.04
C ILE A 342 -1.32 4.34 -23.38
N GLN A 343 -2.64 4.16 -23.53
CA GLN A 343 -3.24 3.60 -24.75
C GLN A 343 -2.87 4.45 -25.96
N SER A 344 -3.02 5.79 -25.88
CA SER A 344 -2.71 6.66 -27.00
C SER A 344 -1.21 6.74 -27.29
N GLU A 345 -0.38 6.73 -26.22
CA GLU A 345 1.07 6.76 -26.38
C GLU A 345 1.60 5.49 -27.07
N LEU A 346 1.09 4.31 -26.66
CA LEU A 346 1.58 3.04 -27.20
C LEU A 346 1.09 2.75 -28.60
N ALA A 347 -0.07 3.33 -29.01
CA ALA A 347 -0.57 3.20 -30.38
C ALA A 347 0.48 3.70 -31.40
N LYS A 348 1.29 4.69 -30.99
CA LYS A 348 2.31 5.34 -31.83
C LYS A 348 3.45 4.40 -32.18
N ILE A 349 3.60 3.30 -31.41
CA ILE A 349 4.66 2.30 -31.64
C ILE A 349 4.06 0.95 -32.09
N GLY A 350 2.77 0.95 -32.42
CA GLY A 350 2.07 -0.23 -32.93
C GLY A 350 1.56 -1.20 -31.90
N ILE A 351 1.49 -0.77 -30.64
CA ILE A 351 0.93 -1.61 -29.58
C ILE A 351 -0.53 -1.15 -29.45
N LYS A 352 -1.47 -2.03 -29.83
CA LYS A 352 -2.90 -1.74 -29.79
C LYS A 352 -3.46 -2.16 -28.46
N VAL A 353 -3.68 -1.17 -27.57
CA VAL A 353 -4.13 -1.43 -26.20
C VAL A 353 -5.66 -1.30 -26.12
N LYS A 354 -6.33 -2.30 -25.52
CA LYS A 354 -7.76 -2.25 -25.19
C LYS A 354 -7.82 -2.10 -23.67
N LEU A 355 -8.71 -1.24 -23.17
CA LEU A 355 -8.80 -0.97 -21.73
C LEU A 355 -9.88 -1.74 -21.02
N ASP A 356 -9.54 -2.21 -19.81
CA ASP A 356 -10.50 -2.86 -18.91
C ASP A 356 -10.55 -1.95 -17.69
N LEU A 357 -11.70 -1.29 -17.50
CA LEU A 357 -11.89 -0.28 -16.47
C LEU A 357 -13.05 -0.61 -15.54
N PRO A 358 -12.96 -1.70 -14.78
CA PRO A 358 -14.05 -2.02 -13.83
C PRO A 358 -13.93 -1.18 -12.56
N ASP A 359 -14.79 -1.43 -11.57
CA ASP A 359 -14.68 -0.71 -10.31
C ASP A 359 -13.42 -1.20 -9.56
N TRP A 360 -13.07 -0.57 -8.42
CA TRP A 360 -11.83 -0.92 -7.75
C TRP A 360 -11.77 -2.35 -7.27
N ALA A 361 -12.81 -2.81 -6.55
CA ALA A 361 -12.81 -4.18 -6.01
C ALA A 361 -12.64 -5.23 -7.12
N SER A 362 -13.27 -5.00 -8.30
CA SER A 362 -13.12 -5.95 -9.42
C SER A 362 -11.70 -5.92 -9.96
N ARG A 363 -11.10 -4.71 -10.08
CA ARG A 363 -9.70 -4.61 -10.54
C ARG A 363 -8.78 -5.38 -9.56
N MET A 364 -8.96 -5.16 -8.24
CA MET A 364 -8.12 -5.82 -7.21
C MET A 364 -8.26 -7.33 -7.24
N ALA A 365 -9.49 -7.87 -7.45
CA ALA A 365 -9.69 -9.32 -7.51
C ALA A 365 -8.90 -9.88 -8.69
N LYS A 366 -8.91 -9.18 -9.85
CA LYS A 366 -8.13 -9.64 -11.00
C LYS A 366 -6.62 -9.51 -10.74
N ALA A 367 -6.19 -8.38 -10.16
CA ALA A 367 -4.77 -8.15 -9.87
C ALA A 367 -4.21 -9.22 -8.92
N SER A 368 -5.03 -9.64 -7.92
CA SER A 368 -4.66 -10.65 -6.92
C SER A 368 -4.37 -12.02 -7.51
N THR A 369 -5.01 -12.38 -8.63
CA THR A 369 -4.81 -13.67 -9.32
C THR A 369 -3.93 -13.56 -10.57
N GLY A 370 -3.45 -12.37 -10.90
CA GLY A 370 -2.65 -12.14 -12.11
C GLY A 370 -3.50 -12.25 -13.37
N ASP A 371 -4.83 -12.02 -13.24
CA ASP A 371 -5.75 -12.12 -14.36
C ASP A 371 -5.71 -10.84 -15.22
N TYR A 372 -4.55 -10.60 -15.85
CA TYR A 372 -4.32 -9.41 -16.68
C TYR A 372 -3.06 -9.61 -17.50
N ASP A 373 -2.85 -8.76 -18.54
CA ASP A 373 -1.65 -8.74 -19.39
C ASP A 373 -0.68 -7.72 -18.73
N PHE A 374 -1.19 -6.50 -18.45
CA PHE A 374 -0.49 -5.48 -17.68
C PHE A 374 -1.48 -4.59 -16.99
N THR A 375 -1.05 -3.92 -15.91
CA THR A 375 -1.97 -3.09 -15.12
C THR A 375 -1.35 -1.80 -14.70
N VAL A 376 -2.16 -0.74 -14.66
CA VAL A 376 -1.72 0.56 -14.14
C VAL A 376 -1.39 0.34 -12.64
N MET A 377 -0.22 0.80 -12.23
CA MET A 377 0.26 0.64 -10.86
C MET A 377 0.26 2.03 -10.22
N GLY A 378 -0.52 2.19 -9.16
CA GLY A 378 -0.57 3.40 -8.33
C GLY A 378 -0.19 2.92 -6.96
N SER A 379 1.09 3.09 -6.55
CA SER A 379 1.52 2.41 -5.32
C SER A 379 2.71 3.06 -4.68
N LEU A 380 3.29 2.37 -3.68
CA LEU A 380 4.44 2.92 -2.93
C LEU A 380 5.12 1.78 -2.22
N GLY A 381 6.30 2.03 -1.66
CA GLY A 381 6.98 1.01 -0.88
C GLY A 381 6.14 0.75 0.36
N GLU A 382 5.90 -0.52 0.66
CA GLU A 382 5.00 -0.88 1.79
C GLU A 382 5.63 -0.72 3.17
N ILE A 383 6.95 -0.55 3.21
CA ILE A 383 7.73 -0.30 4.42
C ILE A 383 8.72 0.81 4.11
N THR A 384 9.26 1.45 5.15
CA THR A 384 10.21 2.54 4.94
C THR A 384 11.69 2.08 5.05
N ASP A 385 11.95 0.79 4.87
CA ASP A 385 13.30 0.27 4.79
C ASP A 385 13.52 0.02 3.29
N ALA A 386 14.80 0.02 2.84
CA ALA A 386 15.15 -0.25 1.43
C ALA A 386 14.57 -1.58 0.93
N ASP A 387 14.34 -2.54 1.86
CA ASP A 387 13.78 -3.85 1.46
C ASP A 387 12.34 -3.78 0.96
N TRP A 388 11.73 -2.57 0.90
CA TRP A 388 10.40 -2.43 0.26
C TRP A 388 10.52 -2.99 -1.18
N LEU A 389 11.73 -2.90 -1.75
CA LEU A 389 12.01 -3.41 -3.10
C LEU A 389 11.70 -4.89 -3.29
N SER A 390 11.91 -5.72 -2.23
CA SER A 390 11.67 -7.18 -2.40
C SER A 390 10.22 -7.46 -2.76
N ASN A 391 9.30 -6.70 -2.16
CA ASN A 391 7.88 -6.86 -2.41
C ASN A 391 7.54 -6.64 -3.91
N TYR A 392 8.30 -5.76 -4.58
CA TYR A 392 8.15 -5.45 -6.01
C TYR A 392 8.93 -6.38 -6.93
N TYR A 393 10.17 -6.75 -6.54
CA TYR A 393 11.11 -7.43 -7.44
C TYR A 393 11.45 -8.89 -7.18
N TYR A 394 11.34 -9.36 -5.93
CA TYR A 394 11.78 -10.72 -5.61
C TYR A 394 10.93 -11.78 -6.30
N GLY A 395 11.52 -12.95 -6.51
CA GLY A 395 10.79 -14.12 -6.98
C GLY A 395 10.13 -14.76 -5.77
N GLY A 396 10.68 -15.89 -5.32
CA GLY A 396 10.15 -16.57 -4.14
C GLY A 396 8.96 -17.49 -4.43
N ASP A 397 8.27 -17.93 -3.37
CA ASP A 397 7.15 -18.87 -3.53
C ASP A 397 5.89 -18.23 -4.06
N LYS A 398 5.62 -16.99 -3.67
CA LYS A 398 4.39 -16.29 -4.07
C LYS A 398 4.74 -15.33 -5.22
N LEU A 399 4.52 -15.79 -6.45
CA LEU A 399 4.93 -15.03 -7.66
C LEU A 399 3.90 -14.07 -8.19
N VAL A 400 2.71 -14.04 -7.60
CA VAL A 400 1.65 -13.09 -8.00
C VAL A 400 1.33 -12.30 -6.74
N ARG A 401 1.72 -11.05 -6.71
CA ARG A 401 1.54 -10.20 -5.53
C ARG A 401 0.85 -8.88 -5.92
N THR A 402 0.43 -8.10 -4.90
CA THR A 402 -0.26 -6.84 -5.21
C THR A 402 0.63 -5.81 -5.95
N ASN A 403 1.96 -5.84 -5.74
CA ASN A 403 2.90 -4.83 -6.27
C ASN A 403 3.91 -5.33 -7.29
N ASN A 404 3.94 -6.62 -7.57
CA ASN A 404 4.98 -7.13 -8.49
C ASN A 404 4.50 -7.31 -9.93
N SER A 405 5.40 -7.79 -10.79
CA SER A 405 5.11 -8.16 -12.17
C SER A 405 4.98 -9.69 -12.17
N PRO A 406 3.72 -10.20 -12.26
CA PRO A 406 3.51 -11.65 -12.09
C PRO A 406 4.52 -12.55 -12.78
N TYR A 407 5.08 -13.50 -12.00
CA TYR A 407 6.01 -14.55 -12.42
C TYR A 407 7.43 -14.07 -12.77
N PHE A 408 7.74 -12.77 -12.59
CA PHE A 408 9.10 -12.30 -12.78
C PHE A 408 9.97 -12.96 -11.68
N ASN A 409 11.12 -13.50 -12.07
CA ASN A 409 12.03 -14.17 -11.15
C ASN A 409 13.42 -14.13 -11.76
N ASP A 410 14.30 -13.24 -11.26
CA ASP A 410 15.68 -13.14 -11.74
C ASP A 410 16.63 -13.51 -10.59
N GLN A 411 17.51 -14.50 -10.81
CA GLN A 411 18.40 -14.94 -9.72
C GLN A 411 19.35 -13.85 -9.26
N GLN A 412 19.92 -13.04 -10.17
CA GLN A 412 20.85 -11.97 -9.73
C GLN A 412 20.14 -10.98 -8.82
N ILE A 413 18.91 -10.60 -9.19
CA ILE A 413 18.11 -9.67 -8.37
C ILE A 413 17.80 -10.31 -7.02
N ASN A 414 17.38 -11.60 -7.00
CA ASN A 414 17.06 -12.30 -5.74
C ASN A 414 18.26 -12.30 -4.79
N ASP A 415 19.44 -12.65 -5.34
CA ASP A 415 20.67 -12.73 -4.57
C ASP A 415 21.05 -11.39 -3.96
N LEU A 416 20.91 -10.31 -4.74
CA LEU A 416 21.20 -8.96 -4.26
C LEU A 416 20.21 -8.55 -3.18
N LEU A 417 18.90 -8.80 -3.41
CA LEU A 417 17.93 -8.43 -2.35
C LEU A 417 18.14 -9.24 -1.07
N ASP A 418 18.47 -10.53 -1.20
CA ASP A 418 18.74 -11.37 -0.04
C ASP A 418 19.96 -10.83 0.73
N LYS A 419 21.02 -10.44 0.00
CA LYS A 419 22.22 -9.88 0.64
C LYS A 419 21.90 -8.54 1.31
N GLY A 420 21.08 -7.71 0.64
CA GLY A 420 20.69 -6.41 1.16
C GLY A 420 19.96 -6.50 2.49
N ARG A 421 19.04 -7.50 2.60
CA ARG A 421 18.22 -7.73 3.80
C ARG A 421 19.00 -8.34 4.96
N ALA A 422 20.12 -9.02 4.66
CA ALA A 422 20.94 -9.72 5.65
C ALA A 422 22.11 -8.88 6.17
N THR A 423 22.39 -7.76 5.50
CA THR A 423 23.50 -6.89 5.84
C THR A 423 23.01 -5.82 6.75
N VAL A 424 23.61 -5.72 7.94
CA VAL A 424 23.16 -4.75 8.94
C VAL A 424 23.75 -3.38 8.64
N ASP A 425 25.07 -3.30 8.37
CA ASP A 425 25.78 -2.04 8.07
C ASP A 425 25.27 -1.34 6.80
N LYS A 426 24.66 -0.15 6.96
CA LYS A 426 24.12 0.65 5.84
C LYS A 426 25.20 1.10 4.83
N ALA A 427 26.47 1.24 5.26
CA ALA A 427 27.56 1.59 4.33
C ALA A 427 27.80 0.43 3.32
N GLU A 428 27.55 -0.82 3.77
CA GLU A 428 27.68 -1.99 2.89
C GLU A 428 26.35 -2.20 2.15
N ARG A 429 25.23 -1.96 2.83
CA ARG A 429 23.92 -2.13 2.18
C ARG A 429 23.77 -1.22 0.97
N VAL A 430 24.29 0.01 1.03
CA VAL A 430 24.11 0.95 -0.07
C VAL A 430 24.78 0.44 -1.38
N LYS A 431 25.94 -0.25 -1.29
CA LYS A 431 26.64 -0.81 -2.46
C LYS A 431 25.78 -1.90 -3.10
N ILE A 432 25.08 -2.68 -2.27
CA ILE A 432 24.20 -3.76 -2.70
C ILE A 432 23.00 -3.19 -3.47
N TYR A 433 22.31 -2.21 -2.89
CA TYR A 433 21.13 -1.62 -3.55
C TYR A 433 21.53 -0.86 -4.83
N ASP A 434 22.74 -0.25 -4.86
CA ASP A 434 23.22 0.42 -6.07
C ASP A 434 23.41 -0.59 -7.20
N ALA A 435 23.97 -1.79 -6.90
CA ALA A 435 24.13 -2.84 -7.91
C ALA A 435 22.75 -3.39 -8.32
N PHE A 436 21.81 -3.49 -7.35
CA PHE A 436 20.45 -3.95 -7.63
C PHE A 436 19.78 -3.00 -8.65
N VAL A 437 19.95 -1.67 -8.45
CA VAL A 437 19.31 -0.66 -9.30
C VAL A 437 19.74 -0.83 -10.78
N ASP A 438 21.05 -1.08 -11.03
CA ASP A 438 21.53 -1.31 -12.40
C ASP A 438 20.78 -2.48 -13.06
N ARG A 439 20.63 -3.61 -12.33
CA ARG A 439 19.95 -4.78 -12.86
C ARG A 439 18.43 -4.52 -12.99
N ALA A 440 17.84 -3.77 -12.06
CA ALA A 440 16.41 -3.41 -12.12
C ALA A 440 16.13 -2.56 -13.38
N LEU A 441 17.04 -1.67 -13.75
CA LEU A 441 16.84 -0.84 -14.94
C LEU A 441 17.03 -1.67 -16.21
N GLU A 442 18.10 -2.49 -16.23
CA GLU A 442 18.39 -3.35 -17.37
C GLU A 442 17.19 -4.25 -17.75
N LEU A 443 16.62 -4.93 -16.75
CA LEU A 443 15.51 -5.86 -16.98
C LEU A 443 14.15 -5.20 -17.01
N SER A 444 14.02 -4.04 -16.33
CA SER A 444 12.78 -3.27 -16.23
C SER A 444 11.51 -4.14 -16.01
N PRO A 445 11.49 -5.04 -15.00
CA PRO A 445 10.24 -5.80 -14.73
C PRO A 445 9.10 -4.85 -14.33
N LEU A 446 9.46 -3.70 -13.71
CA LEU A 446 8.52 -2.63 -13.34
C LEU A 446 8.92 -1.40 -14.13
N VAL A 447 7.93 -0.62 -14.58
CA VAL A 447 8.19 0.63 -15.29
C VAL A 447 7.50 1.73 -14.49
N TYR A 448 8.19 2.89 -14.33
CA TYR A 448 7.66 3.99 -13.51
C TYR A 448 7.57 5.25 -14.33
N PHE A 449 6.50 6.04 -14.11
CA PHE A 449 6.30 7.24 -14.91
C PHE A 449 6.32 8.53 -14.15
N MET A 450 5.78 8.57 -12.92
CA MET A 450 5.71 9.83 -12.19
CA MET A 450 5.74 9.83 -12.19
C MET A 450 5.48 9.66 -10.70
N TRP A 451 5.85 10.69 -9.92
CA TRP A 451 5.57 10.76 -8.49
C TRP A 451 4.27 11.58 -8.45
N ARG A 452 3.29 11.15 -7.65
CA ARG A 452 2.04 11.91 -7.59
C ARG A 452 1.80 12.50 -6.20
N GLU A 453 0.92 13.51 -6.13
CA GLU A 453 0.48 14.03 -4.82
C GLU A 453 -0.62 13.09 -4.30
N GLN A 454 -0.66 12.90 -2.98
CA GLN A 454 -1.67 12.06 -2.33
C GLN A 454 -2.17 12.91 -1.18
N ASN A 455 -3.36 13.50 -1.35
CA ASN A 455 -3.82 14.48 -0.39
C ASN A 455 -5.11 14.07 0.30
N TYR A 456 -5.25 14.52 1.56
CA TYR A 456 -6.48 14.43 2.34
C TYR A 456 -7.01 15.85 2.46
N ALA A 457 -8.27 15.97 2.84
CA ALA A 457 -8.83 17.29 3.12
C ALA A 457 -9.67 17.17 4.36
N VAL A 458 -9.60 18.20 5.22
CA VAL A 458 -10.37 18.20 6.47
C VAL A 458 -11.18 19.48 6.57
N LYS A 459 -12.25 19.42 7.37
CA LYS A 459 -13.04 20.61 7.62
C LYS A 459 -12.34 21.42 8.71
N LYS A 460 -12.48 22.75 8.67
CA LYS A 460 -11.94 23.59 9.76
C LYS A 460 -12.64 23.09 11.04
N GLY A 461 -11.87 22.81 12.08
CA GLY A 461 -12.39 22.26 13.32
C GLY A 461 -11.81 20.89 13.60
N VAL A 462 -11.28 20.22 12.55
CA VAL A 462 -10.64 18.91 12.68
C VAL A 462 -9.16 19.17 12.92
N THR A 463 -8.58 18.47 13.91
CA THR A 463 -7.14 18.53 14.18
C THR A 463 -6.66 17.14 14.50
N GLY A 464 -5.36 16.93 14.48
CA GLY A 464 -4.78 15.66 14.89
C GLY A 464 -4.84 14.55 13.87
N PHE A 465 -5.34 14.82 12.64
CA PHE A 465 -5.28 13.81 11.58
C PHE A 465 -4.02 14.13 10.78
N THR A 466 -3.21 13.10 10.49
CA THR A 466 -1.93 13.27 9.82
C THR A 466 -1.88 12.50 8.53
N ASN A 467 -1.50 13.19 7.45
CA ASN A 467 -1.24 12.53 6.16
C ASN A 467 0.24 12.08 6.36
N MET A 468 0.42 10.79 6.68
CA MET A 468 1.72 10.24 7.12
C MET A 468 2.79 10.32 6.01
N PRO A 469 4.06 10.51 6.42
CA PRO A 469 5.07 10.94 5.46
C PRO A 469 5.51 9.95 4.39
N GLY A 470 5.76 10.48 3.20
CA GLY A 470 6.27 9.74 2.04
C GLY A 470 5.49 8.47 1.78
N PHE A 471 6.17 7.31 1.82
CA PHE A 471 5.54 5.99 1.57
C PHE A 471 4.50 5.57 2.61
N LEU A 472 4.39 6.29 3.73
CA LEU A 472 3.41 5.92 4.77
C LEU A 472 2.03 6.51 4.55
N THR A 473 1.82 7.27 3.45
CA THR A 473 0.52 7.94 3.26
C THR A 473 -0.68 6.98 3.30
N PHE A 474 -0.57 5.76 2.75
CA PHE A 474 -1.72 4.83 2.77
C PHE A 474 -2.05 4.29 4.17
N GLN A 475 -1.16 4.52 5.16
CA GLN A 475 -1.38 4.10 6.55
C GLN A 475 -1.88 5.25 7.41
N SER A 476 -2.21 6.40 6.80
CA SER A 476 -2.65 7.59 7.54
C SER A 476 -3.85 7.36 8.46
N GLY A 477 -4.66 6.34 8.15
CA GLY A 477 -5.79 5.97 9.01
C GLY A 477 -5.37 5.66 10.45
N LEU A 478 -4.09 5.29 10.67
CA LEU A 478 -3.58 5.10 12.04
C LEU A 478 -3.75 6.37 12.89
N SER A 479 -3.58 7.55 12.26
CA SER A 479 -3.63 8.83 12.98
C SER A 479 -5.04 9.19 13.51
N ILE A 480 -6.09 8.39 13.15
CA ILE A 480 -7.45 8.67 13.66
C ILE A 480 -7.50 8.62 15.21
N GLU A 481 -6.56 7.88 15.83
CA GLU A 481 -6.56 7.80 17.30
C GLU A 481 -6.18 9.14 17.96
N ASN A 482 -5.56 10.05 17.19
CA ASN A 482 -5.14 11.37 17.70
C ASN A 482 -6.06 12.48 17.23
N THR A 483 -6.99 12.14 16.34
CA THR A 483 -7.87 13.14 15.72
C THR A 483 -8.91 13.67 16.71
N LYS A 484 -9.17 14.97 16.63
CA LYS A 484 -10.18 15.66 17.47
C LYS A 484 -11.04 16.52 16.57
N ILE A 485 -12.27 16.81 17.01
CA ILE A 485 -13.15 17.64 16.21
C ILE A 485 -13.91 18.54 17.17
N GLU A 486 -14.00 19.82 16.82
CA GLU A 486 -14.73 20.79 17.65
C GLU A 486 -16.21 20.49 17.56
N HIS A 487 -16.98 20.87 18.60
CA HIS A 487 -18.43 20.69 18.63
C HIS A 487 -19.08 21.20 17.34
N HIS A 488 -19.87 20.34 16.67
CA HIS A 488 -20.47 20.69 15.39
C HIS A 488 -21.70 19.83 15.12
N HIS A 489 -22.51 20.25 14.15
CA HIS A 489 -23.69 19.53 13.69
C HIS A 489 -23.66 19.46 12.17
N HIS A 490 -24.34 18.46 11.61
CA HIS A 490 -24.44 18.33 10.17
C HIS A 490 -25.83 18.80 9.75
N HIS A 491 -25.90 20.03 9.16
CA HIS A 491 -27.14 20.70 8.72
C HIS A 491 -28.21 20.72 9.83
N HIS A 492 -27.79 21.13 11.05
CA HIS A 492 -28.67 21.18 12.21
C HIS A 492 -27.98 21.99 13.30
#